data_6VNF
#
_entry.id   6VNF
#
_cell.length_a   111.982
_cell.length_b   111.982
_cell.length_c   70.422
_cell.angle_alpha   90.000
_cell.angle_beta   90.000
_cell.angle_gamma   90.000
#
_symmetry.space_group_name_H-M   'P 41'
#
loop_
_entity.id
_entity.type
_entity.pdbx_description
1 polymer 'Tyrosine-protein kinase JAK2'
2 non-polymer N~4~-[1-(tert-butylsulfonyl)-2,3-dihydro-1H-indol-6-yl]-N~2~-[3-fluoro-4-(1-methylpiperidin-4-yl)phenyl]-5-methylpyrimidine-2,4-diamine
3 water water
#
_entity_poly.entity_id   1
_entity_poly.type   'polypeptide(L)'
_entity_poly.pdbx_seq_one_letter_code
;HHHHHHHHENLYFQGDPTQFEERHLKFLQQLGKGNFGSVEMCRYDPLQDNTGEVVAVKKLQHSTEEHLRDFEREIEILKS
LQHDNIVKYKGVCYSAGRRNLKLIMEYLPYGSLRDYLQKHKERIDHIKLLQYTSQICKGMEYLGTKRYIHRDLATRNILV
ENENRVKIGDFGLTKVLPQDKE(PTR)YKVKEPGESPIFWYAPESLTESKFSVASDVWSFGVVLYELFTYIEKSKSPPAE
FMRMIGNDKQGQMIVFHLIELLKNNGRLPRPDGCPDEIYMIMTECWNNNVNQRPSFRDLALRVDQIRDNMAG
;
_entity_poly.pdbx_strand_id   B,A
#
loop_
_chem_comp.id
_chem_comp.type
_chem_comp.name
_chem_comp.formula
R6S non-polymer N~4~-[1-(tert-butylsulfonyl)-2,3-dihydro-1H-indol-6-yl]-N~2~-[3-fluoro-4-(1-methylpiperidin-4-yl)phenyl]-5-methylpyrimidine-2,4-diamine 'C29 H37 F N6 O2 S'
#
# COMPACT_ATOMS: atom_id res chain seq x y z
N PRO A 17 -4.17 -32.23 8.35
CA PRO A 17 -5.53 -32.45 7.86
C PRO A 17 -5.85 -31.66 6.59
N THR A 18 -4.81 -31.09 5.96
CA THR A 18 -4.92 -30.43 4.66
C THR A 18 -4.30 -31.27 3.55
N GLN A 19 -4.32 -32.58 3.74
CA GLN A 19 -3.80 -33.54 2.77
C GLN A 19 -4.96 -34.45 2.42
N PHE A 20 -5.33 -34.46 1.15
CA PHE A 20 -6.45 -35.26 0.65
C PHE A 20 -5.91 -36.45 -0.14
N GLU A 21 -6.45 -37.63 0.13
CA GLU A 21 -6.05 -38.80 -0.63
C GLU A 21 -6.85 -38.87 -1.92
N GLU A 22 -6.17 -39.08 -3.03
CA GLU A 22 -6.81 -39.04 -4.33
C GLU A 22 -7.94 -40.05 -4.45
N ARG A 23 -7.79 -41.23 -3.82
CA ARG A 23 -8.77 -42.31 -3.96
C ARG A 23 -10.16 -41.90 -3.49
N HIS A 24 -10.23 -40.92 -2.59
CA HIS A 24 -11.48 -40.47 -1.99
C HIS A 24 -12.13 -39.29 -2.70
N LEU A 25 -11.48 -38.74 -3.72
CA LEU A 25 -12.08 -37.69 -4.53
C LEU A 25 -12.98 -38.34 -5.57
N LYS A 26 -14.27 -38.11 -5.45
CA LYS A 26 -15.26 -38.63 -6.36
C LYS A 26 -15.59 -37.52 -7.36
N PHE A 27 -15.24 -37.71 -8.63
CA PHE A 27 -15.57 -36.72 -9.65
C PHE A 27 -17.07 -36.56 -9.82
N LEU A 28 -17.53 -35.32 -9.79
CA LEU A 28 -18.95 -35.05 -10.06
C LEU A 28 -19.14 -34.35 -11.40
N GLN A 29 -18.42 -33.27 -11.66
CA GLN A 29 -18.51 -32.66 -12.99
C GLN A 29 -17.35 -31.69 -13.19
N GLN A 30 -17.20 -31.23 -14.42
CA GLN A 30 -16.21 -30.21 -14.71
C GLN A 30 -16.89 -28.84 -14.59
N LEU A 31 -16.29 -27.95 -13.81
CA LEU A 31 -16.89 -26.64 -13.62
C LEU A 31 -16.36 -25.62 -14.62
N GLY A 32 -15.08 -25.71 -14.95
CA GLY A 32 -14.47 -24.72 -15.81
C GLY A 32 -13.09 -25.13 -16.25
N LYS A 33 -12.63 -24.50 -17.33
CA LYS A 33 -11.39 -24.80 -18.01
C LYS A 33 -10.72 -23.46 -18.31
N GLY A 34 -9.44 -23.32 -17.99
CA GLY A 34 -8.79 -22.05 -18.26
C GLY A 34 -7.32 -21.96 -18.59
N ASN A 35 -6.62 -21.24 -17.69
CA ASN A 35 -5.21 -20.88 -17.81
C ASN A 35 -4.31 -22.11 -17.65
N PHE A 36 -4.38 -23.08 -18.56
CA PHE A 36 -3.64 -24.34 -18.44
C PHE A 36 -4.17 -25.18 -17.30
N GLY A 37 -5.34 -24.82 -16.75
CA GLY A 37 -5.92 -25.53 -15.63
C GLY A 37 -7.38 -25.87 -15.88
N SER A 38 -7.90 -26.65 -14.95
CA SER A 38 -9.27 -27.10 -15.00
C SER A 38 -9.74 -27.17 -13.56
N VAL A 39 -11.03 -26.92 -13.34
CA VAL A 39 -11.64 -27.01 -12.02
C VAL A 39 -12.82 -27.97 -12.09
N GLU A 40 -12.85 -28.91 -11.15
CA GLU A 40 -13.91 -29.90 -11.10
C GLU A 40 -14.66 -29.87 -9.77
N MET A 41 -15.95 -30.16 -9.82
CA MET A 41 -16.72 -30.44 -8.62
C MET A 41 -16.54 -31.91 -8.25
N CYS A 42 -16.01 -32.17 -7.04
CA CYS A 42 -15.86 -33.52 -6.51
C CYS A 42 -16.48 -33.65 -5.13
N ARG A 43 -16.67 -34.89 -4.66
CA ARG A 43 -17.05 -35.14 -3.27
C ARG A 43 -15.88 -35.84 -2.58
N TYR A 44 -15.37 -35.23 -1.51
CA TYR A 44 -14.40 -35.88 -0.65
C TYR A 44 -15.14 -36.73 0.37
N ASP A 45 -15.00 -38.05 0.23
CA ASP A 45 -15.83 -39.04 0.92
C ASP A 45 -14.93 -40.16 1.42
N PRO A 46 -14.02 -39.87 2.34
CA PRO A 46 -13.08 -40.91 2.80
C PRO A 46 -13.77 -42.06 3.52
N LEU A 47 -14.91 -41.82 4.18
CA LEU A 47 -15.66 -42.89 4.83
C LEU A 47 -16.43 -43.75 3.84
N GLN A 48 -16.50 -43.35 2.58
CA GLN A 48 -17.21 -44.08 1.53
C GLN A 48 -18.67 -44.33 1.87
N ASP A 49 -19.25 -43.51 2.75
CA ASP A 49 -20.66 -43.60 3.10
C ASP A 49 -21.48 -42.45 2.54
N ASN A 50 -20.94 -41.71 1.56
CA ASN A 50 -21.65 -40.59 0.93
C ASN A 50 -22.02 -39.51 1.94
N THR A 51 -21.13 -39.24 2.90
CA THR A 51 -21.30 -38.11 3.79
C THR A 51 -20.20 -37.06 3.66
N GLY A 52 -19.23 -37.26 2.78
CA GLY A 52 -18.19 -36.27 2.63
C GLY A 52 -18.72 -35.01 1.98
N GLU A 53 -17.90 -33.98 2.00
CA GLU A 53 -18.36 -32.69 1.52
C GLU A 53 -17.95 -32.49 0.08
N VAL A 54 -18.73 -31.70 -0.64
CA VAL A 54 -18.41 -31.33 -2.02
C VAL A 54 -17.38 -30.21 -1.99
N VAL A 55 -16.31 -30.37 -2.79
CA VAL A 55 -15.20 -29.43 -2.86
C VAL A 55 -14.91 -29.11 -4.32
N ALA A 56 -14.16 -28.03 -4.55
CA ALA A 56 -13.65 -27.71 -5.88
C ALA A 56 -12.19 -28.15 -5.99
N VAL A 57 -11.86 -28.84 -7.06
CA VAL A 57 -10.53 -29.38 -7.29
C VAL A 57 -9.95 -28.74 -8.53
N LYS A 58 -8.83 -28.05 -8.39
CA LYS A 58 -8.15 -27.47 -9.54
C LYS A 58 -6.94 -28.34 -9.88
N LYS A 59 -6.78 -28.63 -11.17
CA LYS A 59 -5.63 -29.40 -11.64
C LYS A 59 -5.10 -28.75 -12.91
N LEU A 60 -3.87 -29.11 -13.26
CA LEU A 60 -3.28 -28.70 -14.54
C LEU A 60 -3.84 -29.59 -15.65
N GLN A 61 -3.99 -29.01 -16.83
CA GLN A 61 -4.45 -29.82 -17.95
C GLN A 61 -3.31 -30.53 -18.66
N HIS A 62 -2.08 -30.02 -18.52
CA HIS A 62 -0.88 -30.60 -19.11
C HIS A 62 0.28 -30.22 -18.20
N SER A 63 0.77 -31.17 -17.43
CA SER A 63 1.65 -30.89 -16.28
C SER A 63 3.15 -30.85 -16.65
N THR A 64 3.56 -29.76 -17.30
CA THR A 64 4.97 -29.48 -17.52
C THR A 64 5.66 -29.05 -16.22
N GLU A 65 6.97 -28.87 -16.26
CA GLU A 65 7.72 -28.46 -15.08
C GLU A 65 7.51 -26.99 -14.75
N GLU A 66 7.47 -26.13 -15.78
CA GLU A 66 7.20 -24.71 -15.57
C GLU A 66 5.79 -24.52 -15.00
N HIS A 67 4.80 -25.22 -15.57
CA HIS A 67 3.44 -25.10 -15.06
C HIS A 67 3.32 -25.67 -13.66
N LEU A 68 4.05 -26.73 -13.31
CA LEU A 68 4.03 -27.22 -11.94
C LEU A 68 4.58 -26.19 -10.95
N ARG A 69 5.72 -25.56 -11.28
CA ARG A 69 6.26 -24.59 -10.33
C ARG A 69 5.34 -23.38 -10.18
N ASP A 70 4.76 -22.90 -11.28
CA ASP A 70 3.75 -21.86 -11.21
C ASP A 70 2.58 -22.30 -10.33
N PHE A 71 2.12 -23.54 -10.50
CA PHE A 71 0.99 -24.02 -9.74
C PHE A 71 1.33 -24.07 -8.25
N GLU A 72 2.54 -24.49 -7.92
CA GLU A 72 2.94 -24.53 -6.51
C GLU A 72 2.98 -23.14 -5.92
N ARG A 73 3.45 -22.14 -6.69
CA ARG A 73 3.44 -20.77 -6.19
C ARG A 73 2.01 -20.26 -6.01
N GLU A 74 1.12 -20.58 -6.95
CA GLU A 74 -0.29 -20.19 -6.81
C GLU A 74 -0.91 -20.81 -5.56
N ILE A 75 -0.59 -22.09 -5.30
CA ILE A 75 -1.08 -22.77 -4.09
C ILE A 75 -0.58 -22.05 -2.83
N GLU A 76 0.71 -21.70 -2.80
CA GLU A 76 1.28 -21.02 -1.63
C GLU A 76 0.61 -19.68 -1.41
N ILE A 77 0.37 -18.96 -2.50
CA ILE A 77 -0.34 -17.68 -2.42
C ILE A 77 -1.72 -17.87 -1.80
N LEU A 78 -2.50 -18.84 -2.30
CA LEU A 78 -3.87 -18.98 -1.82
C LEU A 78 -3.89 -19.41 -0.37
N LYS A 79 -3.00 -20.32 0.00
CA LYS A 79 -2.87 -20.73 1.40
C LYS A 79 -2.53 -19.54 2.30
N SER A 80 -1.84 -18.52 1.78
CA SER A 80 -1.51 -17.38 2.62
C SER A 80 -2.67 -16.39 2.78
N LEU A 81 -3.81 -16.60 2.11
CA LEU A 81 -4.88 -15.62 2.13
C LEU A 81 -6.04 -16.09 3.01
N GLN A 82 -6.55 -15.22 3.88
CA GLN A 82 -7.69 -15.55 4.73
C GLN A 82 -8.55 -14.29 4.80
N HIS A 83 -9.67 -14.29 4.09
CA HIS A 83 -10.52 -13.11 3.97
C HIS A 83 -11.90 -13.56 3.55
N ASP A 84 -12.92 -12.83 4.03
CA ASP A 84 -14.29 -13.22 3.74
C ASP A 84 -14.57 -13.20 2.25
N ASN A 85 -13.82 -12.40 1.47
CA ASN A 85 -14.05 -12.31 0.03
C ASN A 85 -12.92 -12.94 -0.77
N ILE A 86 -12.32 -13.99 -0.22
CA ILE A 86 -11.32 -14.77 -0.96
C ILE A 86 -11.68 -16.24 -0.79
N VAL A 87 -11.74 -16.99 -1.91
CA VAL A 87 -12.14 -18.40 -1.79
C VAL A 87 -11.20 -19.14 -0.85
N LYS A 88 -11.76 -20.05 -0.04
CA LYS A 88 -11.00 -20.71 1.02
C LYS A 88 -10.19 -21.88 0.47
N TYR A 89 -8.91 -21.88 0.80
CA TYR A 89 -8.05 -23.03 0.57
C TYR A 89 -8.40 -24.13 1.55
N LYS A 90 -8.48 -25.37 1.05
CA LYS A 90 -8.74 -26.50 1.92
C LYS A 90 -7.55 -27.44 1.99
N GLY A 91 -6.84 -27.64 0.89
CA GLY A 91 -5.63 -28.44 0.93
C GLY A 91 -5.14 -28.79 -0.46
N VAL A 92 -4.27 -29.81 -0.50
CA VAL A 92 -3.68 -30.32 -1.73
C VAL A 92 -3.87 -31.83 -1.77
N CYS A 93 -3.59 -32.38 -2.94
CA CYS A 93 -3.70 -33.81 -3.18
C CYS A 93 -2.64 -34.16 -4.21
N TYR A 94 -1.73 -35.07 -3.86
CA TYR A 94 -0.68 -35.55 -4.76
C TYR A 94 -0.32 -36.97 -4.38
N SER A 95 -1.30 -37.86 -4.36
CA SER A 95 -1.02 -39.28 -4.18
C SER A 95 -0.49 -39.94 -5.43
N ALA A 96 -0.36 -39.21 -6.54
CA ALA A 96 0.26 -39.72 -7.76
C ALA A 96 1.75 -39.34 -7.80
N GLY A 97 2.47 -39.76 -6.78
CA GLY A 97 3.89 -39.47 -6.68
C GLY A 97 4.14 -37.97 -6.59
N ARG A 98 5.05 -37.49 -7.45
CA ARG A 98 5.37 -36.07 -7.54
C ARG A 98 4.23 -35.26 -8.16
N ARG A 99 3.83 -35.66 -9.35
CA ARG A 99 3.00 -34.91 -10.26
C ARG A 99 1.53 -35.18 -10.00
N ASN A 100 0.67 -34.65 -10.87
CA ASN A 100 -0.77 -34.65 -10.71
C ASN A 100 -1.19 -33.90 -9.45
N LEU A 101 -0.40 -32.89 -9.08
CA LEU A 101 -0.74 -32.05 -7.95
C LEU A 101 -2.10 -31.40 -8.18
N LYS A 102 -2.95 -31.40 -7.15
CA LYS A 102 -4.29 -30.85 -7.23
C LYS A 102 -4.53 -29.94 -6.04
N LEU A 103 -5.17 -28.81 -6.29
CA LEU A 103 -5.48 -27.83 -5.26
C LEU A 103 -6.92 -28.00 -4.84
N ILE A 104 -7.16 -28.20 -3.54
CA ILE A 104 -8.51 -28.36 -3.02
C ILE A 104 -8.96 -27.04 -2.43
N MET A 105 -10.15 -26.58 -2.83
CA MET A 105 -10.74 -25.33 -2.38
C MET A 105 -12.18 -25.60 -1.98
N GLU A 106 -12.75 -24.66 -1.22
CA GLU A 106 -14.19 -24.77 -0.98
C GLU A 106 -14.95 -24.63 -2.30
N TYR A 107 -16.12 -25.31 -2.35
CA TYR A 107 -17.01 -25.22 -3.50
C TYR A 107 -18.04 -24.14 -3.21
N LEU A 108 -18.18 -23.17 -4.12
CA LEU A 108 -19.21 -22.13 -3.98
C LEU A 108 -20.38 -22.45 -4.88
N PRO A 109 -21.62 -22.55 -4.38
CA PRO A 109 -22.67 -23.25 -5.17
C PRO A 109 -23.29 -22.43 -6.27
N TYR A 110 -23.11 -21.11 -6.31
CA TYR A 110 -23.78 -20.33 -7.33
C TYR A 110 -22.87 -20.01 -8.50
N GLY A 111 -21.67 -20.61 -8.54
CA GLY A 111 -20.85 -20.45 -9.74
C GLY A 111 -20.23 -19.06 -9.82
N SER A 112 -19.79 -18.72 -11.02
CA SER A 112 -19.10 -17.45 -11.23
C SER A 112 -20.11 -16.34 -11.32
N LEU A 113 -19.69 -15.15 -10.90
CA LEU A 113 -20.55 -13.98 -10.96
C LEU A 113 -21.00 -13.70 -12.39
N ARG A 114 -20.16 -14.01 -13.38
CA ARG A 114 -20.59 -13.89 -14.77
C ARG A 114 -21.87 -14.71 -15.03
N ASP A 115 -21.85 -16.00 -14.71
CA ASP A 115 -23.05 -16.82 -14.92
C ASP A 115 -24.21 -16.36 -14.04
N TYR A 116 -23.92 -16.09 -12.76
CA TYR A 116 -24.98 -15.76 -11.82
C TYR A 116 -25.70 -14.50 -12.24
N LEU A 117 -24.93 -13.46 -12.53
CA LEU A 117 -25.49 -12.21 -12.97
C LEU A 117 -26.34 -12.40 -14.21
N GLN A 118 -25.82 -13.14 -15.20
CA GLN A 118 -26.58 -13.34 -16.42
C GLN A 118 -27.90 -14.07 -16.15
N LYS A 119 -27.88 -15.00 -15.19
CA LYS A 119 -29.05 -15.83 -14.93
C LYS A 119 -30.10 -15.12 -14.09
N HIS A 120 -29.70 -14.19 -13.26
CA HIS A 120 -30.67 -13.53 -12.39
C HIS A 120 -30.77 -12.04 -12.65
N LYS A 121 -30.47 -11.59 -13.88
CA LYS A 121 -30.36 -10.14 -14.09
C LYS A 121 -31.63 -9.39 -13.77
N GLU A 122 -32.80 -10.01 -13.87
CA GLU A 122 -34.00 -9.24 -13.60
C GLU A 122 -34.30 -9.11 -12.13
N ARG A 123 -33.55 -9.76 -11.25
CA ARG A 123 -33.86 -9.59 -9.83
C ARG A 123 -32.66 -9.15 -9.01
N ILE A 124 -31.61 -8.66 -9.66
CA ILE A 124 -30.42 -8.10 -9.01
C ILE A 124 -30.37 -6.62 -9.38
N ASP A 125 -30.61 -5.74 -8.41
CA ASP A 125 -30.64 -4.31 -8.69
C ASP A 125 -29.26 -3.69 -8.46
N HIS A 126 -29.16 -2.36 -8.63
CA HIS A 126 -27.87 -1.66 -8.55
C HIS A 126 -27.32 -1.66 -7.14
N ILE A 127 -28.16 -1.61 -6.12
CA ILE A 127 -27.66 -1.66 -4.75
C ILE A 127 -26.97 -2.99 -4.51
N LYS A 128 -27.50 -4.07 -5.09
CA LYS A 128 -26.88 -5.38 -4.95
C LYS A 128 -25.56 -5.44 -5.72
N LEU A 129 -25.51 -4.87 -6.94
CA LEU A 129 -24.26 -4.80 -7.68
C LEU A 129 -23.21 -4.08 -6.85
N LEU A 130 -23.61 -3.01 -6.17
CA LEU A 130 -22.65 -2.22 -5.41
C LEU A 130 -22.20 -2.97 -4.17
N GLN A 131 -23.08 -3.80 -3.61
CA GLN A 131 -22.63 -4.69 -2.55
C GLN A 131 -21.53 -5.62 -3.06
N TYR A 132 -21.76 -6.21 -4.25
CA TYR A 132 -20.73 -7.09 -4.82
C TYR A 132 -19.44 -6.33 -5.09
N THR A 133 -19.58 -5.12 -5.66
CA THR A 133 -18.43 -4.26 -6.02
C THR A 133 -17.59 -3.94 -4.80
N SER A 134 -18.25 -3.62 -3.70
CA SER A 134 -17.55 -3.28 -2.48
C SER A 134 -16.80 -4.49 -1.92
N GLN A 135 -17.43 -5.68 -1.98
CA GLN A 135 -16.74 -6.88 -1.51
C GLN A 135 -15.52 -7.18 -2.37
N ILE A 136 -15.64 -7.01 -3.68
CA ILE A 136 -14.51 -7.19 -4.58
C ILE A 136 -13.38 -6.23 -4.21
N CYS A 137 -13.73 -4.96 -3.88
CA CYS A 137 -12.70 -4.00 -3.51
C CYS A 137 -11.99 -4.42 -2.24
N LYS A 138 -12.75 -4.89 -1.26
CA LYS A 138 -12.11 -5.29 -0.01
C LYS A 138 -11.18 -6.47 -0.23
N GLY A 139 -11.62 -7.43 -1.06
CA GLY A 139 -10.76 -8.55 -1.42
C GLY A 139 -9.47 -8.12 -2.11
N MET A 140 -9.58 -7.19 -3.09
CA MET A 140 -8.41 -6.71 -3.83
C MET A 140 -7.48 -5.89 -2.95
N GLU A 141 -8.05 -5.09 -2.04
CA GLU A 141 -7.20 -4.33 -1.13
C GLU A 141 -6.40 -5.27 -0.22
N TYR A 142 -7.03 -6.33 0.27
CA TYR A 142 -6.30 -7.29 1.08
C TYR A 142 -5.16 -7.91 0.27
N LEU A 143 -5.43 -8.24 -1.00
CA LEU A 143 -4.37 -8.73 -1.87
C LEU A 143 -3.21 -7.76 -1.90
N GLY A 144 -3.53 -6.46 -2.05
CA GLY A 144 -2.49 -5.43 -2.12
C GLY A 144 -1.67 -5.29 -0.85
N THR A 145 -2.30 -5.42 0.31
CA THR A 145 -1.53 -5.40 1.53
C THR A 145 -0.55 -6.54 1.60
N LYS A 146 -0.81 -7.64 0.90
CA LYS A 146 0.21 -8.68 0.83
C LYS A 146 1.18 -8.46 -0.35
N ARG A 147 1.07 -7.33 -1.05
CA ARG A 147 1.88 -7.03 -2.23
C ARG A 147 1.70 -8.09 -3.33
N TYR A 148 0.47 -8.63 -3.44
CA TYR A 148 0.08 -9.56 -4.51
C TYR A 148 -0.65 -8.80 -5.62
N ILE A 149 -0.29 -9.11 -6.88
CA ILE A 149 -0.93 -8.55 -8.08
C ILE A 149 -1.75 -9.65 -8.73
N HIS A 150 -3.06 -9.43 -8.84
CA HIS A 150 -3.97 -10.49 -9.29
C HIS A 150 -3.89 -10.73 -10.81
N ARG A 151 -3.85 -9.65 -11.58
CA ARG A 151 -3.67 -9.66 -13.04
C ARG A 151 -4.87 -10.13 -13.82
N ASP A 152 -5.66 -11.07 -13.29
CA ASP A 152 -6.67 -11.72 -14.10
C ASP A 152 -8.10 -11.39 -13.63
N LEU A 153 -8.29 -10.30 -12.89
CA LEU A 153 -9.61 -9.99 -12.35
C LEU A 153 -10.64 -9.81 -13.48
N ALA A 154 -11.76 -10.51 -13.35
CA ALA A 154 -12.85 -10.58 -14.33
C ALA A 154 -14.04 -11.26 -13.68
N THR A 155 -15.26 -10.94 -14.15
CA THR A 155 -16.42 -11.57 -13.51
C THR A 155 -16.38 -13.10 -13.61
N ARG A 156 -15.67 -13.68 -14.60
CA ARG A 156 -15.53 -15.14 -14.59
C ARG A 156 -14.71 -15.67 -13.40
N ASN A 157 -13.86 -14.85 -12.75
CA ASN A 157 -13.04 -15.30 -11.62
C ASN A 157 -13.67 -15.00 -10.29
N ILE A 158 -14.75 -14.25 -10.28
CA ILE A 158 -15.42 -13.87 -9.05
C ILE A 158 -16.53 -14.87 -8.86
N LEU A 159 -16.56 -15.48 -7.68
CA LEU A 159 -17.52 -16.55 -7.43
C LEU A 159 -18.56 -16.12 -6.41
N VAL A 160 -19.72 -16.77 -6.48
CA VAL A 160 -20.87 -16.40 -5.68
C VAL A 160 -21.05 -17.48 -4.63
N GLU A 161 -20.86 -17.13 -3.35
CA GLU A 161 -21.15 -18.08 -2.29
C GLU A 161 -22.64 -18.14 -1.97
N ASN A 162 -23.27 -16.98 -1.86
CA ASN A 162 -24.71 -16.84 -1.71
C ASN A 162 -25.07 -15.45 -2.23
N GLU A 163 -26.35 -15.09 -2.13
CA GLU A 163 -26.83 -13.84 -2.70
C GLU A 163 -26.25 -12.61 -2.00
N ASN A 164 -25.63 -12.78 -0.84
CA ASN A 164 -25.06 -11.64 -0.14
C ASN A 164 -23.51 -11.68 -0.06
N ARG A 165 -22.86 -12.66 -0.71
CA ARG A 165 -21.42 -12.76 -0.60
C ARG A 165 -20.78 -13.31 -1.88
N VAL A 166 -19.81 -12.55 -2.42
CA VAL A 166 -18.96 -13.01 -3.52
C VAL A 166 -17.50 -13.05 -3.04
N LYS A 167 -16.67 -13.80 -3.77
CA LYS A 167 -15.27 -13.99 -3.41
C LYS A 167 -14.41 -14.03 -4.66
N ILE A 168 -13.21 -13.48 -4.57
CA ILE A 168 -12.22 -13.70 -5.64
C ILE A 168 -11.85 -15.17 -5.63
N GLY A 169 -11.98 -15.83 -6.78
CA GLY A 169 -12.10 -17.26 -6.76
C GLY A 169 -11.01 -18.04 -7.44
N ASP A 170 -10.05 -17.36 -8.05
CA ASP A 170 -8.96 -18.01 -8.76
C ASP A 170 -7.72 -17.11 -8.76
N PHE A 171 -6.54 -17.73 -8.65
CA PHE A 171 -5.28 -17.00 -8.48
C PHE A 171 -4.19 -17.50 -9.41
N GLY A 172 -4.58 -18.04 -10.57
CA GLY A 172 -3.62 -18.64 -11.50
C GLY A 172 -2.58 -17.68 -12.09
N LEU A 173 -2.89 -16.39 -12.19
CA LEU A 173 -1.95 -15.42 -12.74
C LEU A 173 -1.36 -14.48 -11.70
N THR A 174 -1.68 -14.70 -10.43
CA THR A 174 -1.29 -13.78 -9.39
C THR A 174 0.20 -13.89 -9.13
N LYS A 175 0.87 -12.74 -9.07
CA LYS A 175 2.31 -12.66 -8.81
C LYS A 175 2.59 -11.80 -7.59
N VAL A 176 3.70 -12.08 -6.93
CA VAL A 176 4.18 -11.25 -5.83
C VAL A 176 5.13 -10.21 -6.38
N LEU A 177 4.96 -8.97 -5.93
CA LEU A 177 5.83 -7.89 -6.35
C LEU A 177 7.25 -8.17 -5.86
N PRO A 178 8.27 -7.75 -6.60
CA PRO A 178 9.62 -7.72 -6.02
C PRO A 178 9.63 -6.77 -4.84
N GLN A 179 10.50 -7.06 -3.88
CA GLN A 179 10.51 -6.26 -2.66
C GLN A 179 10.90 -4.80 -2.92
N ASP A 180 11.60 -4.51 -4.01
CA ASP A 180 12.11 -3.17 -4.29
C ASP A 180 11.43 -2.46 -5.45
N LYS A 181 10.33 -2.98 -5.99
CA LYS A 181 9.66 -2.36 -7.12
C LYS A 181 8.15 -2.42 -6.91
N GLU A 182 7.42 -1.51 -7.54
CA GLU A 182 5.97 -1.44 -7.45
C GLU A 182 5.28 -2.07 -8.68
N PTR A 183 6.05 -2.72 -9.55
CA PTR A 183 5.46 -3.40 -10.70
C PTR A 183 6.21 -4.72 -10.83
O PTR A 183 7.25 -4.97 -10.21
CB PTR A 183 5.55 -2.66 -12.03
CG PTR A 183 6.97 -2.22 -12.37
CD1 PTR A 183 7.80 -3.04 -13.11
CD2 PTR A 183 7.45 -0.99 -11.96
CE1 PTR A 183 9.09 -2.67 -13.42
CE2 PTR A 183 8.74 -0.60 -12.28
CZ PTR A 183 9.55 -1.44 -13.00
OH PTR A 183 10.78 -1.05 -13.28
P PTR A 183 11.20 -0.13 -14.52
O1P PTR A 183 9.99 0.35 -15.34
O2P PTR A 183 11.90 1.13 -13.99
O3P PTR A 183 12.08 -1.00 -15.36
N TYR A 184 5.66 -5.55 -11.71
CA TYR A 184 6.13 -6.88 -12.01
C TYR A 184 6.02 -7.00 -13.52
N LYS A 185 7.12 -7.27 -14.20
CA LYS A 185 7.14 -7.45 -15.66
C LYS A 185 7.03 -8.93 -16.04
N VAL A 186 6.07 -9.27 -16.88
CA VAL A 186 5.85 -10.67 -17.26
C VAL A 186 5.18 -10.75 -18.61
N LYS A 187 5.71 -11.61 -19.50
CA LYS A 187 5.09 -11.92 -20.80
C LYS A 187 4.78 -13.42 -20.88
N GLU A 188 3.60 -13.83 -20.44
CA GLU A 188 3.24 -15.23 -20.52
C GLU A 188 3.04 -15.62 -21.98
N PRO A 189 3.46 -16.82 -22.38
CA PRO A 189 3.09 -17.30 -23.73
C PRO A 189 1.65 -17.80 -23.73
N GLY A 190 0.90 -17.34 -24.73
CA GLY A 190 -0.47 -17.75 -24.92
C GLY A 190 -1.33 -16.55 -25.20
N GLU A 191 -2.65 -16.79 -25.17
CA GLU A 191 -3.59 -15.71 -25.42
C GLU A 191 -3.83 -15.02 -24.09
N SER A 192 -3.70 -13.71 -24.09
CA SER A 192 -3.84 -12.91 -22.89
C SER A 192 -5.14 -12.13 -22.94
N PRO A 193 -5.85 -12.04 -21.82
CA PRO A 193 -7.13 -11.31 -21.82
C PRO A 193 -6.92 -9.81 -21.98
N ILE A 194 -6.54 -9.41 -23.19
CA ILE A 194 -6.09 -8.05 -23.44
C ILE A 194 -7.21 -7.04 -23.22
N PHE A 195 -8.47 -7.45 -23.31
CA PHE A 195 -9.52 -6.45 -23.20
C PHE A 195 -9.79 -6.05 -21.77
N TRP A 196 -9.11 -6.67 -20.81
CA TRP A 196 -9.12 -6.28 -19.41
C TRP A 196 -7.80 -5.65 -18.94
N TYR A 197 -6.79 -5.56 -19.80
CA TYR A 197 -5.43 -5.19 -19.38
C TYR A 197 -5.22 -3.68 -19.48
N ALA A 198 -4.50 -3.13 -18.51
CA ALA A 198 -4.10 -1.72 -18.57
C ALA A 198 -3.18 -1.47 -19.76
N PRO A 199 -3.16 -0.26 -20.28
CA PRO A 199 -2.28 0.04 -21.43
C PRO A 199 -0.82 -0.30 -21.19
N GLU A 200 -0.27 0.08 -20.02
CA GLU A 200 1.12 -0.25 -19.73
C GLU A 200 1.35 -1.76 -19.60
N SER A 201 0.29 -2.55 -19.32
CA SER A 201 0.43 -4.00 -19.41
C SER A 201 0.51 -4.49 -20.86
N LEU A 202 -0.19 -3.83 -21.79
CA LEU A 202 -0.12 -4.24 -23.19
C LEU A 202 1.21 -3.82 -23.82
N THR A 203 1.69 -2.61 -23.51
CA THR A 203 2.87 -2.05 -24.15
C THR A 203 4.15 -2.55 -23.49
N GLU A 204 4.19 -2.57 -22.16
CA GLU A 204 5.44 -2.87 -21.46
C GLU A 204 5.38 -4.12 -20.61
N SER A 205 4.28 -4.89 -20.65
CA SER A 205 4.09 -6.08 -19.83
C SER A 205 4.25 -5.77 -18.33
N LYS A 206 3.88 -4.56 -17.92
CA LYS A 206 4.00 -4.14 -16.52
C LYS A 206 2.67 -4.34 -15.84
N PHE A 207 2.70 -5.03 -14.68
CA PHE A 207 1.54 -5.31 -13.86
C PHE A 207 1.79 -4.76 -12.45
N SER A 208 0.79 -4.10 -11.89
CA SER A 208 0.91 -3.43 -10.60
C SER A 208 -0.46 -3.36 -9.94
N VAL A 209 -0.51 -2.79 -8.74
CA VAL A 209 -1.79 -2.55 -8.08
C VAL A 209 -2.64 -1.67 -8.98
N ALA A 210 -2.02 -0.72 -9.66
CA ALA A 210 -2.72 0.20 -10.54
C ALA A 210 -3.30 -0.47 -11.77
N SER A 211 -2.65 -1.50 -12.31
CA SER A 211 -3.25 -2.21 -13.43
C SER A 211 -4.37 -3.12 -12.95
N ASP A 212 -4.24 -3.68 -11.74
CA ASP A 212 -5.37 -4.33 -11.11
C ASP A 212 -6.55 -3.35 -10.96
N VAL A 213 -6.28 -2.08 -10.68
CA VAL A 213 -7.38 -1.11 -10.57
C VAL A 213 -8.03 -0.87 -11.94
N TRP A 214 -7.21 -0.74 -12.98
CA TRP A 214 -7.76 -0.68 -14.34
C TRP A 214 -8.71 -1.84 -14.61
N SER A 215 -8.23 -3.05 -14.34
CA SER A 215 -9.04 -4.23 -14.57
C SER A 215 -10.27 -4.23 -13.68
N PHE A 216 -10.17 -3.70 -12.46
CA PHE A 216 -11.36 -3.63 -11.62
C PHE A 216 -12.40 -2.73 -12.26
N GLY A 217 -11.95 -1.66 -12.91
CA GLY A 217 -12.87 -0.81 -13.66
C GLY A 217 -13.59 -1.59 -14.74
N VAL A 218 -12.88 -2.47 -15.43
CA VAL A 218 -13.53 -3.34 -16.42
C VAL A 218 -14.51 -4.28 -15.75
N VAL A 219 -14.19 -4.79 -14.56
CA VAL A 219 -15.13 -5.66 -13.85
C VAL A 219 -16.41 -4.89 -13.52
N LEU A 220 -16.25 -3.64 -13.10
CA LEU A 220 -17.40 -2.81 -12.78
C LEU A 220 -18.25 -2.56 -14.03
N TYR A 221 -17.60 -2.27 -15.15
CA TYR A 221 -18.32 -2.21 -16.42
C TYR A 221 -19.11 -3.50 -16.65
N GLU A 222 -18.42 -4.63 -16.53
CA GLU A 222 -19.05 -5.94 -16.74
C GLU A 222 -20.33 -6.07 -15.93
N LEU A 223 -20.23 -5.78 -14.63
CA LEU A 223 -21.37 -5.89 -13.73
C LEU A 223 -22.52 -5.05 -14.24
N PHE A 224 -22.23 -3.80 -14.63
CA PHE A 224 -23.37 -2.95 -14.98
C PHE A 224 -23.92 -3.19 -16.38
N THR A 225 -23.27 -3.99 -17.22
CA THR A 225 -23.88 -4.50 -18.44
C THR A 225 -24.68 -5.77 -18.19
N TYR A 226 -24.65 -6.32 -16.96
CA TYR A 226 -25.34 -7.59 -16.64
C TYR A 226 -24.94 -8.72 -17.56
N ILE A 227 -23.73 -8.65 -18.12
CA ILE A 227 -23.20 -9.65 -19.05
C ILE A 227 -24.12 -9.77 -20.24
N GLU A 228 -24.66 -8.65 -20.70
CA GLU A 228 -25.33 -8.63 -21.99
C GLU A 228 -24.33 -8.94 -23.09
N LYS A 229 -24.79 -9.73 -24.06
CA LYS A 229 -23.91 -10.45 -25.00
C LYS A 229 -23.04 -9.52 -25.82
N SER A 230 -23.68 -8.64 -26.58
CA SER A 230 -23.01 -7.71 -27.46
C SER A 230 -22.31 -6.59 -26.71
N LYS A 231 -22.44 -6.56 -25.39
CA LYS A 231 -21.89 -5.50 -24.57
C LYS A 231 -20.61 -5.90 -23.82
N SER A 232 -20.06 -7.08 -24.07
CA SER A 232 -18.83 -7.51 -23.41
C SER A 232 -17.65 -6.65 -23.87
N PRO A 233 -16.61 -6.56 -23.07
CA PRO A 233 -15.46 -5.75 -23.46
C PRO A 233 -14.85 -6.20 -24.78
N PRO A 234 -14.67 -7.51 -25.02
CA PRO A 234 -14.15 -7.90 -26.36
C PRO A 234 -15.05 -7.41 -27.48
N ALA A 235 -16.37 -7.58 -27.34
CA ALA A 235 -17.29 -7.15 -28.39
C ALA A 235 -17.24 -5.64 -28.60
N GLU A 236 -17.32 -4.87 -27.52
CA GLU A 236 -17.29 -3.41 -27.67
C GLU A 236 -15.96 -2.93 -28.25
N PHE A 237 -14.83 -3.47 -27.77
CA PHE A 237 -13.53 -2.99 -28.25
C PHE A 237 -13.29 -3.38 -29.71
N MET A 238 -13.72 -4.58 -30.10
CA MET A 238 -13.55 -4.99 -31.49
C MET A 238 -14.49 -4.20 -32.39
N ARG A 239 -15.63 -3.78 -31.87
CA ARG A 239 -16.49 -2.90 -32.63
C ARG A 239 -15.84 -1.54 -32.82
N MET A 240 -15.11 -1.06 -31.81
CA MET A 240 -14.50 0.27 -31.87
C MET A 240 -13.25 0.28 -32.76
N ILE A 241 -12.44 -0.77 -32.76
CA ILE A 241 -11.30 -0.76 -33.66
C ILE A 241 -11.63 -1.35 -35.01
N GLY A 242 -12.85 -1.84 -35.19
CA GLY A 242 -13.21 -2.47 -36.45
C GLY A 242 -12.97 -3.96 -36.39
N ASN A 243 -13.99 -4.75 -36.76
CA ASN A 243 -13.89 -6.19 -36.79
C ASN A 243 -13.05 -6.70 -37.97
N ASP A 244 -12.56 -5.79 -38.81
CA ASP A 244 -11.72 -6.13 -39.96
C ASP A 244 -10.27 -6.48 -39.59
N LYS A 245 -9.83 -6.16 -38.37
CA LYS A 245 -8.48 -6.53 -37.94
C LYS A 245 -8.41 -7.95 -37.42
N GLN A 246 -7.22 -8.54 -37.52
CA GLN A 246 -6.97 -9.89 -37.03
C GLN A 246 -5.55 -9.98 -36.54
N GLY A 247 -5.30 -11.03 -35.77
CA GLY A 247 -3.94 -11.27 -35.34
C GLY A 247 -3.43 -10.17 -34.44
N GLN A 248 -2.10 -10.07 -34.42
CA GLN A 248 -1.42 -9.10 -33.58
C GLN A 248 -1.93 -7.69 -33.82
N MET A 249 -2.41 -7.41 -35.04
CA MET A 249 -2.98 -6.09 -35.35
C MET A 249 -3.97 -5.64 -34.29
N ILE A 250 -4.84 -6.55 -33.84
CA ILE A 250 -5.80 -6.26 -32.77
C ILE A 250 -5.13 -5.52 -31.62
N VAL A 251 -4.13 -6.17 -30.99
CA VAL A 251 -3.44 -5.54 -29.86
C VAL A 251 -2.96 -4.15 -30.24
N PHE A 252 -2.29 -4.03 -31.40
CA PHE A 252 -1.76 -2.75 -31.82
C PHE A 252 -2.85 -1.70 -31.81
N HIS A 253 -3.96 -2.02 -32.47
CA HIS A 253 -5.05 -1.05 -32.56
C HIS A 253 -5.61 -0.76 -31.18
N LEU A 254 -5.78 -1.80 -30.36
CA LEU A 254 -6.27 -1.57 -28.99
C LEU A 254 -5.36 -0.57 -28.29
N ILE A 255 -4.04 -0.74 -28.43
CA ILE A 255 -3.12 0.18 -27.79
C ILE A 255 -3.39 1.60 -28.25
N GLU A 256 -3.45 1.79 -29.57
CA GLU A 256 -3.73 3.13 -30.09
C GLU A 256 -5.05 3.64 -29.57
N LEU A 257 -6.08 2.78 -29.59
CA LEU A 257 -7.39 3.22 -29.14
C LEU A 257 -7.31 3.74 -27.71
N LEU A 258 -6.58 3.04 -26.85
CA LEU A 258 -6.52 3.45 -25.45
C LEU A 258 -5.68 4.71 -25.30
N LYS A 259 -4.69 4.89 -26.17
CA LYS A 259 -3.81 6.05 -26.02
C LYS A 259 -4.46 7.31 -26.56
N ASN A 260 -5.48 7.19 -27.41
CA ASN A 260 -6.34 8.31 -27.80
C ASN A 260 -7.56 8.44 -26.92
N ASN A 261 -7.53 7.87 -25.72
CA ASN A 261 -8.63 7.95 -24.76
C ASN A 261 -9.92 7.34 -25.33
N GLY A 262 -9.80 6.34 -26.19
CA GLY A 262 -10.96 5.49 -26.46
C GLY A 262 -11.29 4.62 -25.26
N ARG A 263 -12.60 4.49 -24.96
CA ARG A 263 -13.04 3.80 -23.76
C ARG A 263 -14.35 3.02 -24.00
N LEU A 264 -14.58 2.03 -23.15
CA LEU A 264 -15.84 1.32 -23.14
C LEU A 264 -16.97 2.30 -22.80
N PRO A 265 -18.15 2.18 -23.42
CA PRO A 265 -19.23 3.14 -23.15
C PRO A 265 -19.86 2.95 -21.79
N ARG A 266 -20.64 3.93 -21.38
CA ARG A 266 -21.45 3.77 -20.18
C ARG A 266 -22.49 2.70 -20.43
N PRO A 267 -22.63 1.68 -19.59
CA PRO A 267 -23.69 0.69 -19.82
C PRO A 267 -25.08 1.29 -19.64
N ASP A 268 -26.05 0.69 -20.32
CA ASP A 268 -27.44 1.15 -20.22
C ASP A 268 -27.89 1.13 -18.77
N GLY A 269 -28.44 2.25 -18.33
CA GLY A 269 -28.93 2.35 -16.98
C GLY A 269 -27.88 2.60 -15.93
N CYS A 270 -26.58 2.68 -16.30
CA CYS A 270 -25.57 2.95 -15.29
C CYS A 270 -25.63 4.42 -14.93
N PRO A 271 -25.70 4.78 -13.63
CA PRO A 271 -25.64 6.19 -13.24
C PRO A 271 -24.29 6.83 -13.54
N ASP A 272 -24.28 8.16 -13.59
CA ASP A 272 -23.07 8.87 -14.04
C ASP A 272 -21.93 8.74 -13.04
N GLU A 273 -22.24 8.71 -11.75
CA GLU A 273 -21.17 8.58 -10.76
C GLU A 273 -20.50 7.20 -10.80
N ILE A 274 -21.25 6.16 -11.18
CA ILE A 274 -20.65 4.82 -11.32
C ILE A 274 -19.78 4.77 -12.57
N TYR A 275 -20.28 5.34 -13.67
CA TYR A 275 -19.43 5.42 -14.85
C TYR A 275 -18.19 6.28 -14.56
N MET A 276 -18.33 7.28 -13.69
CA MET A 276 -17.15 8.09 -13.39
C MET A 276 -16.14 7.29 -12.59
N ILE A 277 -16.59 6.40 -11.71
CA ILE A 277 -15.64 5.50 -11.06
C ILE A 277 -14.90 4.69 -12.12
N MET A 278 -15.64 4.17 -13.09
CA MET A 278 -15.00 3.40 -14.16
C MET A 278 -13.95 4.23 -14.88
N THR A 279 -14.33 5.42 -15.33
CA THR A 279 -13.41 6.24 -16.13
C THR A 279 -12.20 6.64 -15.33
N GLU A 280 -12.35 6.79 -14.01
CA GLU A 280 -11.19 7.12 -13.20
C GLU A 280 -10.29 5.91 -13.04
N CYS A 281 -10.85 4.71 -13.01
CA CYS A 281 -10.00 3.53 -13.01
C CYS A 281 -9.21 3.38 -14.32
N TRP A 282 -9.78 3.86 -15.43
CA TRP A 282 -9.17 3.73 -16.75
C TRP A 282 -8.29 4.93 -17.09
N ASN A 283 -7.51 5.44 -16.15
CA ASN A 283 -6.60 6.53 -16.46
C ASN A 283 -5.35 5.97 -17.10
N ASN A 284 -4.96 6.56 -18.24
CA ASN A 284 -3.67 6.21 -18.83
C ASN A 284 -2.53 6.47 -17.84
N ASN A 285 -2.66 7.50 -16.99
CA ASN A 285 -1.62 7.85 -16.04
C ASN A 285 -1.72 6.89 -14.86
N VAL A 286 -0.76 5.98 -14.76
CA VAL A 286 -0.84 4.89 -13.79
C VAL A 286 -1.00 5.42 -12.36
N ASN A 287 -0.35 6.53 -12.06
CA ASN A 287 -0.33 7.05 -10.70
C ASN A 287 -1.57 7.83 -10.35
N GLN A 288 -2.42 8.15 -11.32
CA GLN A 288 -3.65 8.87 -11.05
C GLN A 288 -4.86 7.97 -10.86
N ARG A 289 -4.67 6.67 -10.87
CA ARG A 289 -5.80 5.83 -10.67
C ARG A 289 -6.06 5.72 -9.18
N PRO A 290 -7.33 5.61 -8.79
CA PRO A 290 -7.66 5.53 -7.36
C PRO A 290 -7.13 4.28 -6.70
N SER A 291 -7.06 4.32 -5.37
CA SER A 291 -6.75 3.16 -4.57
C SER A 291 -8.01 2.31 -4.35
N PHE A 292 -7.80 1.04 -3.99
CA PHE A 292 -8.95 0.20 -3.69
C PHE A 292 -9.66 0.63 -2.43
N ARG A 293 -8.94 1.18 -1.47
CA ARG A 293 -9.60 1.70 -0.27
C ARG A 293 -10.54 2.83 -0.64
N ASP A 294 -10.08 3.76 -1.49
CA ASP A 294 -10.91 4.86 -1.97
C ASP A 294 -12.08 4.37 -2.80
N LEU A 295 -11.85 3.34 -3.64
CA LEU A 295 -12.93 2.74 -4.41
C LEU A 295 -14.01 2.20 -3.49
N ALA A 296 -13.62 1.47 -2.45
CA ALA A 296 -14.59 0.93 -1.49
C ALA A 296 -15.34 2.05 -0.79
N LEU A 297 -14.63 3.12 -0.41
CA LEU A 297 -15.27 4.25 0.27
C LEU A 297 -16.32 4.90 -0.60
N ARG A 298 -15.98 5.20 -1.86
CA ARG A 298 -16.94 5.83 -2.76
C ARG A 298 -18.14 4.92 -3.02
N VAL A 299 -17.88 3.64 -3.27
CA VAL A 299 -18.97 2.69 -3.55
C VAL A 299 -19.90 2.60 -2.36
N ASP A 300 -19.34 2.52 -1.15
CA ASP A 300 -20.15 2.43 0.06
C ASP A 300 -20.95 3.72 0.30
N GLN A 301 -20.39 4.87 -0.05
CA GLN A 301 -21.14 6.12 0.10
C GLN A 301 -22.33 6.16 -0.85
N ILE A 302 -22.12 5.73 -2.09
CA ILE A 302 -23.21 5.69 -3.06
C ILE A 302 -24.27 4.68 -2.62
N ARG A 303 -23.83 3.52 -2.16
CA ARG A 303 -24.79 2.51 -1.72
C ARG A 303 -25.63 3.03 -0.56
N ASP A 304 -25.01 3.74 0.39
CA ASP A 304 -25.76 4.34 1.48
C ASP A 304 -26.75 5.40 0.97
N ASN A 305 -26.34 6.22 0.00
CA ASN A 305 -27.25 7.21 -0.54
C ASN A 305 -28.45 6.56 -1.21
N MET A 306 -28.23 5.45 -1.91
CA MET A 306 -29.32 4.77 -2.59
C MET A 306 -30.33 4.20 -1.62
N ALA A 307 -29.91 3.86 -0.40
CA ALA A 307 -30.83 3.33 0.58
C ALA A 307 -31.64 4.47 1.21
N LEU B 11 1.39 45.35 -17.47
CA LEU B 11 0.55 44.17 -17.33
C LEU B 11 0.71 43.54 -15.93
N TYR B 12 -0.41 43.32 -15.24
CA TYR B 12 -0.44 42.63 -13.97
C TYR B 12 -1.11 41.27 -14.19
N PHE B 13 -0.42 40.21 -13.81
CA PHE B 13 -0.93 38.84 -13.90
C PHE B 13 -1.44 38.37 -12.55
N GLN B 14 -2.49 37.56 -12.57
CA GLN B 14 -3.11 37.13 -11.33
C GLN B 14 -2.72 35.70 -10.93
N GLY B 15 -1.60 35.17 -11.45
CA GLY B 15 -1.22 33.81 -11.11
C GLY B 15 0.27 33.52 -11.18
N ASP B 16 0.64 32.39 -10.57
CA ASP B 16 -0.25 31.61 -9.69
C ASP B 16 0.47 31.32 -8.37
N PRO B 17 -0.26 31.38 -7.24
CA PRO B 17 0.42 31.51 -5.93
C PRO B 17 1.26 30.30 -5.56
N THR B 18 0.68 29.51 -4.69
CA THR B 18 1.19 28.20 -4.28
C THR B 18 0.35 27.08 -4.88
N GLN B 19 -0.15 27.27 -6.10
CA GLN B 19 -1.07 26.35 -6.74
C GLN B 19 -0.43 25.74 -7.96
N PHE B 20 -0.29 24.43 -7.95
CA PHE B 20 0.26 23.67 -9.07
C PHE B 20 -0.90 23.01 -9.82
N GLU B 21 -0.86 23.09 -11.15
CA GLU B 21 -1.89 22.46 -11.96
C GLU B 21 -1.54 21.00 -12.19
N GLU B 22 -2.51 20.10 -11.96
CA GLU B 22 -2.23 18.68 -12.07
C GLU B 22 -1.76 18.31 -13.47
N ARG B 23 -2.30 18.96 -14.49
CA ARG B 23 -1.94 18.62 -15.86
C ARG B 23 -0.44 18.74 -16.10
N HIS B 24 0.23 19.59 -15.34
CA HIS B 24 1.65 19.83 -15.57
C HIS B 24 2.56 18.95 -14.73
N LEU B 25 2.01 18.19 -13.78
CA LEU B 25 2.81 17.27 -12.95
C LEU B 25 3.05 15.99 -13.74
N LYS B 26 4.29 15.76 -14.15
CA LYS B 26 4.64 14.55 -14.91
C LYS B 26 5.20 13.52 -13.93
N PHE B 27 4.48 12.41 -13.77
CA PHE B 27 4.90 11.35 -12.86
C PHE B 27 6.21 10.73 -13.31
N LEU B 28 7.18 10.68 -12.39
CA LEU B 28 8.46 10.04 -12.69
C LEU B 28 8.59 8.70 -11.99
N GLN B 29 8.35 8.64 -10.69
CA GLN B 29 8.40 7.35 -10.02
C GLN B 29 7.81 7.54 -8.64
N GLN B 30 7.62 6.45 -7.91
CA GLN B 30 7.15 6.55 -6.53
C GLN B 30 8.35 6.58 -5.58
N LEU B 31 8.31 7.49 -4.61
CA LEU B 31 9.39 7.64 -3.63
C LEU B 31 9.14 6.92 -2.31
N GLY B 32 7.90 6.84 -1.85
CA GLY B 32 7.66 6.21 -0.56
C GLY B 32 6.19 6.06 -0.29
N LYS B 33 5.89 5.11 0.61
CA LYS B 33 4.52 4.72 0.91
C LYS B 33 4.35 4.59 2.42
N GLY B 34 3.30 5.20 2.95
CA GLY B 34 2.98 5.02 4.35
C GLY B 34 1.66 4.25 4.44
N ASN B 35 1.05 4.18 5.62
CA ASN B 35 -0.19 3.41 5.74
C ASN B 35 -1.38 4.07 5.08
N PHE B 36 -1.38 5.40 4.98
CA PHE B 36 -2.51 6.10 4.40
C PHE B 36 -2.15 7.08 3.30
N GLY B 37 -0.87 7.30 3.05
CA GLY B 37 -0.44 8.25 2.05
C GLY B 37 0.79 7.74 1.34
N SER B 38 1.17 8.47 0.31
CA SER B 38 2.34 8.08 -0.45
C SER B 38 2.95 9.33 -1.06
N VAL B 39 4.24 9.23 -1.39
CA VAL B 39 4.98 10.32 -2.02
C VAL B 39 5.54 9.85 -3.35
N GLU B 40 5.35 10.69 -4.37
CA GLU B 40 5.82 10.45 -5.73
C GLU B 40 6.82 11.52 -6.14
N MET B 41 7.81 11.10 -6.94
CA MET B 41 8.65 12.03 -7.66
C MET B 41 7.98 12.42 -8.98
N CYS B 42 7.74 13.71 -9.17
CA CYS B 42 7.22 14.24 -10.43
C CYS B 42 8.07 15.40 -10.92
N ARG B 43 7.88 15.78 -12.18
CA ARG B 43 8.46 16.99 -12.71
C ARG B 43 7.30 17.93 -13.04
N TYR B 44 7.30 19.12 -12.44
CA TYR B 44 6.37 20.15 -12.86
C TYR B 44 6.93 20.71 -14.15
N ASP B 45 6.23 20.43 -15.25
CA ASP B 45 6.80 20.67 -16.58
C ASP B 45 5.73 21.23 -17.51
N PRO B 46 5.25 22.44 -17.24
CA PRO B 46 4.25 23.02 -18.13
C PRO B 46 4.79 23.29 -19.52
N LEU B 47 6.09 23.51 -19.67
CA LEU B 47 6.56 23.71 -21.02
C LEU B 47 6.63 22.42 -21.83
N GLN B 48 6.52 21.28 -21.15
CA GLN B 48 6.64 19.96 -21.77
C GLN B 48 7.96 19.80 -22.51
N ASP B 49 8.99 20.56 -22.13
CA ASP B 49 10.31 20.42 -22.72
C ASP B 49 11.27 19.75 -21.76
N ASN B 50 10.74 19.12 -20.72
CA ASN B 50 11.52 18.37 -19.75
C ASN B 50 12.57 19.25 -19.04
N THR B 51 12.27 20.54 -18.88
CA THR B 51 13.12 21.46 -18.13
C THR B 51 12.46 21.93 -16.85
N GLY B 52 11.24 21.50 -16.57
CA GLY B 52 10.57 21.89 -15.36
C GLY B 52 11.28 21.36 -14.13
N GLU B 53 10.80 21.79 -12.97
CA GLU B 53 11.49 21.45 -11.73
C GLU B 53 10.96 20.13 -11.16
N VAL B 54 11.86 19.32 -10.59
CA VAL B 54 11.46 18.07 -9.97
C VAL B 54 10.99 18.35 -8.55
N VAL B 55 9.82 17.83 -8.20
CA VAL B 55 9.20 18.03 -6.90
C VAL B 55 8.76 16.68 -6.38
N ALA B 56 8.48 16.65 -5.08
CA ALA B 56 7.85 15.53 -4.40
C ALA B 56 6.39 15.87 -4.13
N VAL B 57 5.51 14.90 -4.39
CA VAL B 57 4.05 15.08 -4.28
C VAL B 57 3.51 14.05 -3.28
N LYS B 58 2.88 14.52 -2.22
CA LYS B 58 2.27 13.64 -1.23
C LYS B 58 0.76 13.61 -1.43
N LYS B 59 0.18 12.40 -1.42
CA LYS B 59 -1.27 12.24 -1.58
C LYS B 59 -1.78 11.20 -0.61
N LEU B 60 -3.08 11.27 -0.33
CA LEU B 60 -3.74 10.25 0.49
C LEU B 60 -4.17 9.05 -0.37
N GLN B 61 -4.09 7.87 0.23
CA GLN B 61 -4.63 6.67 -0.38
C GLN B 61 -5.92 6.20 0.27
N HIS B 62 -6.31 6.79 1.40
CA HIS B 62 -7.54 6.42 2.11
C HIS B 62 -8.15 7.74 2.57
N SER B 63 -9.00 8.30 1.73
CA SER B 63 -9.48 9.66 1.90
C SER B 63 -10.80 9.68 2.66
N THR B 64 -10.77 9.18 3.89
CA THR B 64 -11.92 9.40 4.74
C THR B 64 -11.96 10.86 5.14
N GLU B 65 -13.02 11.22 5.85
CA GLU B 65 -13.16 12.61 6.27
C GLU B 65 -12.13 12.94 7.34
N GLU B 66 -11.87 12.00 8.24
CA GLU B 66 -10.87 12.18 9.27
C GLU B 66 -9.49 12.36 8.66
N HIS B 67 -9.12 11.49 7.70
CA HIS B 67 -7.81 11.58 7.07
C HIS B 67 -7.68 12.85 6.23
N LEU B 68 -8.76 13.29 5.60
CA LEU B 68 -8.73 14.53 4.83
C LEU B 68 -8.50 15.74 5.73
N ARG B 69 -9.22 15.81 6.85
CA ARG B 69 -9.00 16.93 7.79
C ARG B 69 -7.58 16.92 8.33
N ASP B 70 -7.09 15.74 8.70
CA ASP B 70 -5.70 15.60 9.11
C ASP B 70 -4.75 16.09 8.02
N PHE B 71 -5.03 15.75 6.76
CA PHE B 71 -4.11 16.12 5.68
C PHE B 71 -4.06 17.64 5.51
N GLU B 72 -5.23 18.30 5.62
CA GLU B 72 -5.26 19.75 5.50
C GLU B 72 -4.49 20.41 6.64
N ARG B 73 -4.62 19.86 7.86
CA ARG B 73 -3.86 20.41 8.97
C ARG B 73 -2.35 20.20 8.78
N GLU B 74 -1.96 19.03 8.26
CA GLU B 74 -0.54 18.77 8.00
C GLU B 74 0.03 19.72 6.95
N ILE B 75 -0.74 19.99 5.90
CA ILE B 75 -0.30 20.96 4.90
C ILE B 75 -0.12 22.34 5.54
N GLU B 76 -1.05 22.76 6.39
CA GLU B 76 -0.91 24.06 7.04
C GLU B 76 0.31 24.08 7.93
N ILE B 77 0.53 23.00 8.68
CA ILE B 77 1.68 22.90 9.55
C ILE B 77 2.96 23.04 8.75
N LEU B 78 3.08 22.30 7.64
CA LEU B 78 4.31 22.38 6.86
C LEU B 78 4.48 23.75 6.24
N LYS B 79 3.40 24.36 5.77
CA LYS B 79 3.49 25.70 5.21
C LYS B 79 4.00 26.71 6.25
N SER B 80 3.67 26.50 7.52
CA SER B 80 4.09 27.44 8.55
C SER B 80 5.54 27.26 8.98
N LEU B 81 6.29 26.34 8.39
CA LEU B 81 7.65 26.03 8.85
C LEU B 81 8.66 26.51 7.83
N GLN B 82 9.70 27.22 8.32
CA GLN B 82 10.83 27.62 7.49
C GLN B 82 12.11 27.40 8.29
N HIS B 83 12.85 26.35 7.94
CA HIS B 83 14.09 25.97 8.61
C HIS B 83 14.91 25.14 7.66
N ASP B 84 16.24 25.27 7.78
CA ASP B 84 17.16 24.62 6.85
C ASP B 84 17.07 23.11 6.93
N ASN B 85 16.68 22.59 8.08
CA ASN B 85 16.60 21.16 8.34
C ASN B 85 15.17 20.68 8.42
N ILE B 86 14.28 21.34 7.68
CA ILE B 86 12.91 20.94 7.51
C ILE B 86 12.58 21.01 6.03
N VAL B 87 12.01 19.93 5.48
CA VAL B 87 11.73 19.84 4.05
C VAL B 87 10.82 20.98 3.65
N LYS B 88 11.05 21.55 2.46
CA LYS B 88 10.39 22.79 2.05
C LYS B 88 9.00 22.56 1.47
N TYR B 89 8.04 23.29 1.99
CA TYR B 89 6.75 23.39 1.37
C TYR B 89 6.84 24.19 0.09
N LYS B 90 6.25 23.68 -1.01
CA LYS B 90 6.16 24.44 -2.25
C LYS B 90 4.73 24.80 -2.60
N GLY B 91 3.75 23.94 -2.33
CA GLY B 91 2.38 24.30 -2.61
C GLY B 91 1.44 23.11 -2.53
N VAL B 92 0.25 23.31 -3.09
CA VAL B 92 -0.82 22.32 -3.12
C VAL B 92 -1.28 22.17 -4.54
N CYS B 93 -2.05 21.11 -4.76
CA CYS B 93 -2.56 20.76 -6.07
C CYS B 93 -3.91 20.08 -5.86
N TYR B 94 -4.94 20.61 -6.49
CA TYR B 94 -6.23 19.96 -6.37
C TYR B 94 -7.12 20.19 -7.56
N SER B 95 -7.88 19.17 -7.91
CA SER B 95 -9.08 19.29 -8.72
C SER B 95 -10.31 19.46 -7.81
N ALA B 96 -11.43 19.84 -8.44
CA ALA B 96 -12.84 19.54 -8.09
C ALA B 96 -13.75 20.76 -7.96
N GLY B 97 -13.72 21.53 -6.86
CA GLY B 97 -12.63 21.69 -5.89
C GLY B 97 -12.62 20.91 -4.58
N ARG B 98 -11.39 20.75 -4.09
CA ARG B 98 -10.96 20.10 -2.85
C ARG B 98 -10.56 18.64 -3.10
N ARG B 99 -10.89 18.07 -4.27
CA ARG B 99 -10.69 16.64 -4.32
C ARG B 99 -9.27 16.36 -4.81
N ASN B 100 -8.80 15.13 -4.55
CA ASN B 100 -7.47 14.72 -4.98
C ASN B 100 -6.42 15.76 -4.56
N LEU B 101 -6.62 16.33 -3.37
CA LEU B 101 -5.69 17.29 -2.81
C LEU B 101 -4.30 16.68 -2.65
N LYS B 102 -3.29 17.40 -3.12
CA LYS B 102 -1.90 16.92 -3.08
C LYS B 102 -1.00 18.01 -2.54
N LEU B 103 -0.01 17.61 -1.73
CA LEU B 103 0.96 18.52 -1.10
C LEU B 103 2.26 18.47 -1.89
N ILE B 104 2.71 19.62 -2.37
CA ILE B 104 3.93 19.71 -3.19
C ILE B 104 5.08 20.17 -2.31
N MET B 105 6.19 19.46 -2.39
CA MET B 105 7.37 19.73 -1.60
C MET B 105 8.60 19.69 -2.48
N GLU B 106 9.71 20.23 -1.97
CA GLU B 106 10.96 20.07 -2.70
C GLU B 106 11.36 18.61 -2.69
N TYR B 107 12.07 18.21 -3.74
CA TYR B 107 12.59 16.86 -3.88
C TYR B 107 14.02 16.79 -3.33
N LEU B 108 14.25 15.92 -2.35
CA LEU B 108 15.57 15.65 -1.82
C LEU B 108 16.09 14.36 -2.42
N PRO B 109 17.25 14.35 -3.07
CA PRO B 109 17.58 13.24 -3.98
C PRO B 109 18.19 12.00 -3.36
N TYR B 110 18.65 12.01 -2.11
CA TYR B 110 19.36 10.85 -1.60
C TYR B 110 18.54 9.97 -0.67
N GLY B 111 17.22 10.14 -0.66
CA GLY B 111 16.35 9.24 0.06
C GLY B 111 16.40 9.48 1.55
N SER B 112 15.90 8.49 2.27
CA SER B 112 15.84 8.55 3.72
C SER B 112 17.20 8.28 4.35
N LEU B 113 17.43 8.90 5.51
CA LEU B 113 18.69 8.68 6.23
C LEU B 113 18.87 7.21 6.60
N ARG B 114 17.77 6.47 6.80
CA ARG B 114 17.89 5.04 7.06
C ARG B 114 18.60 4.32 5.90
N ASP B 115 18.05 4.46 4.69
CA ASP B 115 18.68 3.81 3.54
C ASP B 115 20.07 4.37 3.28
N TYR B 116 20.21 5.69 3.39
CA TYR B 116 21.48 6.33 3.07
C TYR B 116 22.60 5.86 3.99
N LEU B 117 22.35 5.88 5.29
CA LEU B 117 23.34 5.39 6.24
C LEU B 117 23.70 3.94 5.94
N GLN B 118 22.70 3.10 5.65
CA GLN B 118 23.03 1.71 5.33
C GLN B 118 23.96 1.61 4.12
N LYS B 119 23.76 2.47 3.12
CA LYS B 119 24.55 2.33 1.89
C LYS B 119 25.94 2.94 2.00
N HIS B 120 26.15 3.86 2.93
CA HIS B 120 27.43 4.55 3.01
C HIS B 120 28.14 4.36 4.35
N LYS B 121 27.89 3.24 5.05
CA LYS B 121 28.41 3.11 6.41
C LYS B 121 29.93 3.16 6.44
N GLU B 122 30.61 2.82 5.33
CA GLU B 122 32.07 2.78 5.42
C GLU B 122 32.70 4.15 5.31
N ARG B 123 31.93 5.18 4.96
CA ARG B 123 32.50 6.51 4.85
C ARG B 123 31.83 7.54 5.76
N ILE B 124 30.94 7.11 6.64
CA ILE B 124 30.26 7.99 7.58
C ILE B 124 30.80 7.64 8.96
N ASP B 125 31.61 8.54 9.54
CA ASP B 125 32.20 8.22 10.84
C ASP B 125 31.35 8.85 11.94
N HIS B 126 31.83 8.78 13.18
CA HIS B 126 31.02 9.21 14.31
C HIS B 126 30.80 10.72 14.29
N ILE B 127 31.82 11.49 13.89
CA ILE B 127 31.62 12.93 13.86
C ILE B 127 30.63 13.30 12.76
N LYS B 128 30.59 12.55 11.66
CA LYS B 128 29.57 12.82 10.65
C LYS B 128 28.17 12.47 11.16
N LEU B 129 28.02 11.35 11.87
CA LEU B 129 26.74 11.04 12.51
C LEU B 129 26.31 12.19 13.41
N LEU B 130 27.28 12.80 14.14
CA LEU B 130 26.95 13.90 15.06
C LEU B 130 26.60 15.18 14.31
N GLN B 131 27.16 15.39 13.13
CA GLN B 131 26.70 16.49 12.28
C GLN B 131 25.22 16.33 11.92
N TYR B 132 24.83 15.12 11.51
CA TYR B 132 23.42 14.85 11.23
C TYR B 132 22.57 15.05 12.48
N THR B 133 23.06 14.52 13.61
CA THR B 133 22.34 14.61 14.88
C THR B 133 22.08 16.05 15.26
N SER B 134 23.09 16.90 15.11
CA SER B 134 22.93 18.30 15.46
C SER B 134 21.88 18.97 14.58
N GLN B 135 21.90 18.68 13.27
CA GLN B 135 20.88 19.26 12.41
C GLN B 135 19.48 18.78 12.82
N ILE B 136 19.35 17.50 13.19
CA ILE B 136 18.06 17.00 13.64
C ILE B 136 17.62 17.75 14.90
N CYS B 137 18.52 17.92 15.87
CA CYS B 137 18.19 18.65 17.10
C CYS B 137 17.74 20.06 16.80
N LYS B 138 18.41 20.73 15.88
CA LYS B 138 18.03 22.11 15.60
C LYS B 138 16.66 22.18 14.92
N GLY B 139 16.40 21.28 13.98
CA GLY B 139 15.06 21.23 13.37
C GLY B 139 13.98 21.03 14.41
N MET B 140 14.22 20.09 15.35
CA MET B 140 13.22 19.83 16.40
C MET B 140 13.05 21.00 17.37
N GLU B 141 14.15 21.72 17.68
CA GLU B 141 14.05 22.89 18.54
C GLU B 141 13.20 23.97 17.90
N TYR B 142 13.41 24.19 16.61
CA TYR B 142 12.56 25.11 15.88
C TYR B 142 11.09 24.66 15.92
N LEU B 143 10.84 23.35 15.75
CA LEU B 143 9.47 22.84 15.87
C LEU B 143 8.83 23.20 17.20
N GLY B 144 9.57 23.00 18.28
CA GLY B 144 9.05 23.31 19.60
C GLY B 144 8.67 24.76 19.75
N THR B 145 9.43 25.67 19.11
CA THR B 145 9.02 27.08 19.16
C THR B 145 7.64 27.32 18.55
N LYS B 146 7.18 26.44 17.66
CA LYS B 146 5.83 26.58 17.11
C LYS B 146 4.80 25.80 17.91
N ARG B 147 5.22 25.16 19.00
CA ARG B 147 4.34 24.32 19.81
C ARG B 147 3.76 23.16 18.98
N TYR B 148 4.58 22.64 18.05
CA TYR B 148 4.27 21.44 17.29
C TYR B 148 4.99 20.25 17.92
N ILE B 149 4.27 19.14 18.03
CA ILE B 149 4.78 17.86 18.49
C ILE B 149 4.86 16.94 17.27
N HIS B 150 6.06 16.43 16.95
CA HIS B 150 6.24 15.66 15.73
C HIS B 150 5.59 14.27 15.80
N ARG B 151 5.79 13.56 16.91
CA ARG B 151 5.21 12.24 17.20
C ARG B 151 5.88 11.08 16.45
N ASP B 152 6.44 11.30 15.28
CA ASP B 152 6.93 10.19 14.46
C ASP B 152 8.42 10.32 14.10
N LEU B 153 9.24 10.90 14.97
CA LEU B 153 10.67 11.05 14.69
C LEU B 153 11.34 9.67 14.54
N ALA B 154 12.04 9.47 13.42
CA ALA B 154 12.62 8.18 13.09
C ALA B 154 13.48 8.38 11.86
N THR B 155 14.55 7.59 11.70
CA THR B 155 15.40 7.83 10.54
C THR B 155 14.68 7.60 9.22
N ARG B 156 13.61 6.80 9.20
CA ARG B 156 12.87 6.64 7.97
C ARG B 156 12.19 7.93 7.54
N ASN B 157 11.94 8.85 8.48
CA ASN B 157 11.32 10.14 8.23
C ASN B 157 12.32 11.26 8.05
N ILE B 158 13.61 10.97 8.13
CA ILE B 158 14.63 11.99 7.90
C ILE B 158 15.16 11.80 6.49
N LEU B 159 15.22 12.86 5.70
CA LEU B 159 15.67 12.78 4.33
C LEU B 159 17.05 13.41 4.15
N VAL B 160 17.78 12.95 3.13
CA VAL B 160 19.16 13.36 2.89
C VAL B 160 19.20 14.26 1.67
N GLU B 161 19.59 15.54 1.87
CA GLU B 161 19.78 16.43 0.72
C GLU B 161 21.14 16.23 0.04
N ASN B 162 22.21 16.10 0.81
CA ASN B 162 23.54 15.75 0.33
C ASN B 162 24.31 15.15 1.51
N GLU B 163 25.58 14.83 1.29
CA GLU B 163 26.34 14.18 2.37
C GLU B 163 26.52 15.08 3.59
N ASN B 164 26.20 16.37 3.52
CA ASN B 164 26.37 17.25 4.69
C ASN B 164 25.07 17.79 5.31
N ARG B 165 23.89 17.46 4.78
CA ARG B 165 22.66 18.05 5.28
C ARG B 165 21.49 17.07 5.20
N VAL B 166 20.81 16.88 6.32
CA VAL B 166 19.56 16.12 6.39
C VAL B 166 18.42 17.06 6.81
N LYS B 167 17.19 16.62 6.56
CA LYS B 167 16.01 17.44 6.86
C LYS B 167 14.93 16.53 7.43
N ILE B 168 14.18 17.04 8.40
CA ILE B 168 12.97 16.31 8.80
C ILE B 168 12.00 16.34 7.64
N GLY B 169 11.50 15.16 7.24
CA GLY B 169 10.90 15.05 5.93
C GLY B 169 9.43 14.68 5.84
N ASP B 170 8.79 14.40 6.98
CA ASP B 170 7.38 14.07 6.94
C ASP B 170 6.73 14.47 8.25
N PHE B 171 5.50 14.98 8.16
CA PHE B 171 4.79 15.53 9.30
C PHE B 171 3.37 15.00 9.38
N GLY B 172 3.13 13.78 8.88
CA GLY B 172 1.79 13.25 8.83
C GLY B 172 1.14 13.05 10.18
N LEU B 173 1.94 12.90 11.24
CA LEU B 173 1.41 12.67 12.57
C LEU B 173 1.57 13.89 13.49
N THR B 174 2.04 15.01 12.97
CA THR B 174 2.34 16.16 13.82
C THR B 174 1.06 16.81 14.32
N LYS B 175 1.01 17.11 15.62
CA LYS B 175 -0.10 17.80 16.26
C LYS B 175 0.36 19.12 16.89
N VAL B 176 -0.58 20.08 16.97
CA VAL B 176 -0.33 21.36 17.62
C VAL B 176 -0.77 21.27 19.07
N LEU B 177 0.05 21.77 19.98
CA LEU B 177 -0.34 21.74 21.38
C LEU B 177 -1.62 22.56 21.59
N PRO B 178 -2.46 22.17 22.56
CA PRO B 178 -3.52 23.08 23.01
C PRO B 178 -2.88 24.28 23.69
N GLN B 179 -3.55 25.42 23.61
CA GLN B 179 -2.98 26.63 24.18
C GLN B 179 -2.83 26.56 25.71
N ASP B 180 -3.61 25.73 26.38
CA ASP B 180 -3.63 25.70 27.85
C ASP B 180 -2.91 24.49 28.46
N LYS B 181 -2.23 23.66 27.66
CA LYS B 181 -1.52 22.51 28.17
C LYS B 181 -0.23 22.28 27.38
N GLU B 182 0.68 21.54 28.00
CA GLU B 182 1.95 21.21 27.39
C GLU B 182 1.94 19.83 26.76
N PTR B 183 0.90 19.06 27.03
CA PTR B 183 0.73 17.76 26.42
C PTR B 183 -0.51 17.72 25.56
O PTR B 183 -1.41 18.54 25.63
CB PTR B 183 0.66 16.61 27.43
CG PTR B 183 -0.18 16.79 28.69
CD1 PTR B 183 -1.53 16.40 28.75
CD2 PTR B 183 0.39 17.26 29.87
CE1 PTR B 183 -2.28 16.53 29.93
CE2 PTR B 183 -0.32 17.40 31.04
CZ PTR B 183 -1.67 17.04 31.09
OH PTR B 183 -2.30 17.19 32.25
P PTR B 183 -2.33 16.14 33.52
O1P PTR B 183 -3.80 16.10 33.95
O2P PTR B 183 -1.95 14.74 33.01
O3P PTR B 183 -1.53 16.50 34.75
N TYR B 184 -0.51 16.72 24.70
CA TYR B 184 -1.64 16.47 23.81
C TYR B 184 -2.05 15.01 23.96
N LYS B 185 -3.26 14.77 24.42
CA LYS B 185 -3.74 13.40 24.57
C LYS B 185 -4.49 13.08 23.30
N VAL B 186 -4.01 12.08 22.57
CA VAL B 186 -4.59 11.72 21.28
C VAL B 186 -5.62 10.63 21.53
N LYS B 187 -6.83 10.85 21.03
CA LYS B 187 -7.93 9.88 21.11
C LYS B 187 -8.20 9.47 19.67
N GLU B 188 -7.42 8.51 19.20
CA GLU B 188 -7.43 8.14 17.82
C GLU B 188 -7.35 6.65 17.60
N PRO B 189 -8.11 6.13 16.67
CA PRO B 189 -7.71 4.91 16.00
C PRO B 189 -6.70 5.30 14.94
N GLY B 190 -5.64 4.52 14.80
CA GLY B 190 -4.61 4.79 13.83
C GLY B 190 -3.26 4.30 14.29
N GLU B 191 -2.24 4.75 13.54
CA GLU B 191 -0.92 4.13 13.59
C GLU B 191 -0.02 4.65 14.70
N SER B 192 0.50 3.71 15.49
CA SER B 192 1.46 4.00 16.53
C SER B 192 2.77 3.27 16.26
N PRO B 193 3.90 3.99 16.05
CA PRO B 193 5.25 3.38 15.94
C PRO B 193 5.79 3.06 17.34
N ILE B 194 5.25 2.02 17.94
CA ILE B 194 5.38 1.83 19.38
C ILE B 194 6.82 1.71 19.83
N PHE B 195 7.73 1.26 18.97
CA PHE B 195 9.10 1.08 19.42
C PHE B 195 9.90 2.38 19.40
N TRP B 196 9.29 3.49 18.98
CA TRP B 196 9.87 4.82 19.13
C TRP B 196 9.16 5.64 20.22
N TYR B 197 8.15 5.07 20.87
CA TYR B 197 7.22 5.83 21.70
C TYR B 197 7.66 5.89 23.16
N ALA B 198 7.47 7.08 23.74
CA ALA B 198 7.67 7.26 25.17
C ALA B 198 6.65 6.44 25.96
N PRO B 199 7.01 6.05 27.18
CA PRO B 199 6.07 5.28 28.02
C PRO B 199 4.73 5.94 28.22
N GLU B 200 4.70 7.24 28.50
CA GLU B 200 3.41 7.88 28.67
C GLU B 200 2.64 7.96 27.36
N SER B 201 3.32 7.91 26.21
CA SER B 201 2.57 7.78 24.95
C SER B 201 1.97 6.39 24.81
N LEU B 202 2.68 5.38 25.29
CA LEU B 202 2.15 4.04 25.19
C LEU B 202 0.98 3.85 26.15
N THR B 203 1.07 4.37 27.38
CA THR B 203 0.05 4.09 28.39
C THR B 203 -1.13 5.03 28.25
N GLU B 204 -0.87 6.34 28.12
CA GLU B 204 -1.93 7.33 28.16
C GLU B 204 -2.12 8.05 26.84
N SER B 205 -1.40 7.65 25.80
CA SER B 205 -1.50 8.35 24.52
C SER B 205 -1.16 9.84 24.67
N LYS B 206 -0.26 10.15 25.58
CA LYS B 206 0.12 11.52 25.87
C LYS B 206 1.40 11.87 25.10
N PHE B 207 1.34 12.94 24.31
CA PHE B 207 2.45 13.37 23.47
C PHE B 207 2.83 14.82 23.78
N SER B 208 4.15 15.09 23.80
CA SER B 208 4.70 16.38 24.20
C SER B 208 6.08 16.60 23.58
N VAL B 209 6.72 17.71 23.93
CA VAL B 209 8.10 17.91 23.52
C VAL B 209 8.99 16.81 24.10
N ALA B 210 8.72 16.41 25.34
CA ALA B 210 9.54 15.40 26.00
C ALA B 210 9.40 14.01 25.37
N SER B 211 8.22 13.66 24.81
CA SER B 211 8.14 12.37 24.11
C SER B 211 8.83 12.44 22.74
N ASP B 212 8.79 13.60 22.09
CA ASP B 212 9.65 13.80 20.92
C ASP B 212 11.11 13.62 21.29
N VAL B 213 11.51 14.04 22.50
CA VAL B 213 12.90 13.86 22.93
C VAL B 213 13.23 12.39 23.14
N TRP B 214 12.28 11.63 23.72
CA TRP B 214 12.43 10.18 23.81
C TRP B 214 12.66 9.57 22.42
N SER B 215 11.79 9.92 21.46
CA SER B 215 11.94 9.42 20.10
C SER B 215 13.27 9.86 19.50
N PHE B 216 13.73 11.07 19.84
CA PHE B 216 15.03 11.50 19.36
C PHE B 216 16.14 10.58 19.91
N GLY B 217 16.04 10.17 21.17
CA GLY B 217 17.00 9.22 21.68
C GLY B 217 17.01 7.94 20.87
N VAL B 218 15.82 7.46 20.45
CA VAL B 218 15.76 6.27 19.59
C VAL B 218 16.42 6.53 18.22
N VAL B 219 16.21 7.71 17.64
CA VAL B 219 16.87 8.06 16.38
C VAL B 219 18.39 8.05 16.53
N LEU B 220 18.88 8.57 17.65
CA LEU B 220 20.33 8.60 17.86
C LEU B 220 20.87 7.18 17.96
N TYR B 221 20.16 6.32 18.70
CA TYR B 221 20.47 4.89 18.70
C TYR B 221 20.55 4.35 17.29
N GLU B 222 19.52 4.60 16.48
CA GLU B 222 19.45 4.16 15.09
C GLU B 222 20.70 4.57 14.31
N LEU B 223 21.07 5.85 14.42
CA LEU B 223 22.26 6.35 13.72
C LEU B 223 23.49 5.53 14.09
N PHE B 224 23.68 5.28 15.40
CA PHE B 224 24.93 4.62 15.73
C PHE B 224 24.90 3.10 15.52
N THR B 225 23.75 2.50 15.23
CA THR B 225 23.76 1.12 14.77
C THR B 225 24.05 1.00 13.30
N TYR B 226 24.13 2.13 12.59
CA TYR B 226 24.29 2.16 11.14
C TYR B 226 23.24 1.31 10.43
N ILE B 227 22.09 1.13 11.08
CA ILE B 227 20.98 0.34 10.56
C ILE B 227 21.44 -1.09 10.25
N GLU B 228 22.28 -1.66 11.12
CA GLU B 228 22.51 -3.09 11.05
C GLU B 228 21.19 -3.77 11.36
N LYS B 229 20.73 -4.62 10.45
CA LYS B 229 19.29 -4.98 10.42
C LYS B 229 18.86 -5.72 11.70
N SER B 230 19.73 -6.57 12.25
CA SER B 230 19.43 -7.25 13.50
C SER B 230 19.46 -6.33 14.73
N LYS B 231 19.91 -5.08 14.59
CA LYS B 231 20.05 -4.16 15.71
C LYS B 231 18.99 -3.07 15.71
N SER B 232 17.97 -3.17 14.85
CA SER B 232 16.91 -2.18 14.82
C SER B 232 16.12 -2.17 16.14
N PRO B 233 15.46 -1.06 16.43
CA PRO B 233 14.65 -1.00 17.67
C PRO B 233 13.56 -2.07 17.70
N PRO B 234 12.79 -2.29 16.61
CA PRO B 234 11.83 -3.41 16.66
C PRO B 234 12.50 -4.73 16.92
N ALA B 235 13.62 -5.01 16.25
CA ALA B 235 14.29 -6.27 16.47
C ALA B 235 14.77 -6.40 17.92
N GLU B 236 15.42 -5.36 18.43
CA GLU B 236 15.96 -5.46 19.78
C GLU B 236 14.86 -5.58 20.84
N PHE B 237 13.79 -4.79 20.70
CA PHE B 237 12.71 -4.86 21.68
C PHE B 237 11.98 -6.19 21.57
N MET B 238 11.80 -6.72 20.34
CA MET B 238 11.13 -8.01 20.17
C MET B 238 11.97 -9.13 20.73
N ARG B 239 13.30 -9.02 20.63
CA ARG B 239 14.16 -9.99 21.30
C ARG B 239 14.06 -9.86 22.81
N MET B 240 13.88 -8.64 23.32
CA MET B 240 13.86 -8.46 24.77
C MET B 240 12.57 -8.97 25.39
N ILE B 241 11.43 -8.76 24.72
CA ILE B 241 10.18 -9.24 25.25
C ILE B 241 9.84 -10.65 24.81
N GLY B 242 10.60 -11.23 23.88
CA GLY B 242 10.28 -12.54 23.32
C GLY B 242 9.49 -12.46 22.02
N ASN B 243 9.99 -13.15 20.99
CA ASN B 243 9.31 -13.16 19.70
C ASN B 243 8.06 -14.04 19.70
N ASP B 244 7.76 -14.73 20.80
CA ASP B 244 6.52 -15.50 20.84
C ASP B 244 5.33 -14.60 21.08
N LYS B 245 5.55 -13.37 21.54
CA LYS B 245 4.44 -12.47 21.83
C LYS B 245 3.96 -11.84 20.53
N GLN B 246 2.67 -11.57 20.44
CA GLN B 246 2.18 -10.85 19.28
C GLN B 246 0.92 -10.09 19.64
N GLY B 247 0.54 -9.21 18.73
CA GLY B 247 -0.65 -8.44 18.89
C GLY B 247 -0.47 -7.41 19.99
N GLN B 248 -1.62 -6.99 20.53
CA GLN B 248 -1.62 -6.01 21.59
C GLN B 248 -0.77 -6.46 22.76
N MET B 249 -0.62 -7.77 22.95
CA MET B 249 0.26 -8.27 24.01
C MET B 249 1.63 -7.57 23.97
N ILE B 250 2.21 -7.41 22.77
CA ILE B 250 3.48 -6.71 22.55
C ILE B 250 3.49 -5.44 23.37
N VAL B 251 2.54 -4.54 23.08
CA VAL B 251 2.49 -3.25 23.76
C VAL B 251 2.57 -3.42 25.27
N PHE B 252 1.72 -4.29 25.83
CA PHE B 252 1.71 -4.43 27.29
C PHE B 252 3.08 -4.86 27.79
N HIS B 253 3.68 -5.87 27.15
CA HIS B 253 5.00 -6.29 27.57
C HIS B 253 6.01 -5.14 27.42
N LEU B 254 5.93 -4.40 26.31
CA LEU B 254 6.81 -3.26 26.11
C LEU B 254 6.69 -2.27 27.27
N ILE B 255 5.44 -1.96 27.67
CA ILE B 255 5.23 -1.03 28.78
C ILE B 255 5.93 -1.57 30.02
N GLU B 256 5.69 -2.85 30.31
CA GLU B 256 6.33 -3.43 31.48
C GLU B 256 7.83 -3.30 31.36
N LEU B 257 8.37 -3.59 30.17
CA LEU B 257 9.80 -3.54 29.98
C LEU B 257 10.34 -2.14 30.25
N LEU B 258 9.63 -1.12 29.76
CA LEU B 258 10.17 0.22 29.94
C LEU B 258 10.04 0.67 31.38
N LYS B 259 9.03 0.17 32.11
CA LYS B 259 8.87 0.63 33.49
C LYS B 259 9.84 -0.07 34.43
N ASN B 260 10.36 -1.25 34.04
CA ASN B 260 11.44 -1.88 34.76
C ASN B 260 12.79 -1.41 34.25
N ASN B 261 12.82 -0.26 33.58
CA ASN B 261 14.02 0.39 33.07
C ASN B 261 14.80 -0.50 32.11
N GLY B 262 14.12 -1.38 31.39
CA GLY B 262 14.74 -1.99 30.24
C GLY B 262 14.88 -0.93 29.15
N ARG B 263 16.03 -0.96 28.48
CA ARG B 263 16.38 0.03 27.48
C ARG B 263 17.07 -0.66 26.33
N LEU B 264 17.11 0.02 25.19
CA LEU B 264 17.94 -0.43 24.08
C LEU B 264 19.42 -0.45 24.49
N PRO B 265 20.19 -1.42 23.99
CA PRO B 265 21.60 -1.52 24.38
C PRO B 265 22.48 -0.46 23.69
N ARG B 266 23.67 -0.29 24.23
CA ARG B 266 24.63 0.54 23.54
C ARG B 266 25.04 -0.14 22.23
N PRO B 267 24.89 0.51 21.08
CA PRO B 267 25.28 -0.13 19.82
C PRO B 267 26.77 -0.41 19.77
N ASP B 268 27.15 -1.40 18.95
CA ASP B 268 28.55 -1.74 18.79
C ASP B 268 29.37 -0.52 18.37
N GLY B 269 30.44 -0.25 19.09
CA GLY B 269 31.32 0.83 18.73
C GLY B 269 30.85 2.20 19.13
N CYS B 270 29.67 2.32 19.76
CA CYS B 270 29.16 3.63 20.13
C CYS B 270 29.93 4.18 21.32
N PRO B 271 30.43 5.42 21.26
CA PRO B 271 31.13 5.99 22.42
C PRO B 271 30.19 6.19 23.60
N ASP B 272 30.77 6.24 24.79
CA ASP B 272 29.95 6.23 25.99
C ASP B 272 29.21 7.55 26.18
N GLU B 273 29.78 8.69 25.81
CA GLU B 273 29.03 9.92 26.02
C GLU B 273 27.82 9.99 25.09
N ILE B 274 27.90 9.36 23.91
CA ILE B 274 26.74 9.32 23.02
C ILE B 274 25.64 8.42 23.60
N TYR B 275 26.01 7.24 24.10
CA TYR B 275 25.02 6.40 24.76
C TYR B 275 24.43 7.09 25.98
N MET B 276 25.22 7.92 26.67
CA MET B 276 24.69 8.65 27.82
C MET B 276 23.65 9.65 27.37
N ILE B 277 23.85 10.28 26.20
CA ILE B 277 22.77 11.12 25.68
C ILE B 277 21.51 10.28 25.43
N MET B 278 21.68 9.08 24.84
CA MET B 278 20.50 8.24 24.60
C MET B 278 19.76 7.96 25.91
N THR B 279 20.48 7.42 26.91
CA THR B 279 19.82 7.01 28.14
C THR B 279 19.19 8.18 28.85
N GLU B 280 19.76 9.37 28.66
CA GLU B 280 19.15 10.55 29.26
C GLU B 280 17.86 10.95 28.56
N CYS B 281 17.79 10.77 27.23
CA CYS B 281 16.52 11.01 26.54
C CYS B 281 15.46 9.97 26.93
N TRP B 282 15.88 8.78 27.33
CA TRP B 282 14.94 7.72 27.68
C TRP B 282 14.60 7.72 29.17
N ASN B 283 14.44 8.88 29.81
CA ASN B 283 14.04 8.88 31.21
C ASN B 283 12.53 8.65 31.32
N ASN B 284 12.15 7.80 32.27
CA ASN B 284 10.73 7.57 32.50
C ASN B 284 10.00 8.86 32.84
N ASN B 285 10.64 9.75 33.59
CA ASN B 285 10.03 11.02 33.97
C ASN B 285 10.19 12.07 32.88
N VAL B 286 9.08 12.57 32.33
CA VAL B 286 9.16 13.54 31.23
C VAL B 286 10.01 14.74 31.61
N ASN B 287 10.06 15.08 32.90
CA ASN B 287 10.74 16.31 33.32
C ASN B 287 12.25 16.15 33.48
N GLN B 288 12.77 14.92 33.48
CA GLN B 288 14.21 14.67 33.52
C GLN B 288 14.80 14.41 32.14
N ARG B 289 14.04 14.71 31.08
CA ARG B 289 14.59 14.57 29.73
C ARG B 289 15.15 15.90 29.26
N PRO B 290 16.26 15.89 28.55
CA PRO B 290 16.85 17.16 28.10
C PRO B 290 15.96 17.83 27.07
N SER B 291 16.19 19.13 26.91
CA SER B 291 15.55 19.89 25.87
C SER B 291 16.35 19.73 24.58
N PHE B 292 15.71 20.09 23.46
CA PHE B 292 16.44 20.01 22.20
C PHE B 292 17.54 21.06 22.13
N ARG B 293 17.33 22.23 22.73
CA ARG B 293 18.42 23.19 22.83
C ARG B 293 19.59 22.60 23.61
N ASP B 294 19.30 21.96 24.75
CA ASP B 294 20.32 21.29 25.53
C ASP B 294 21.06 20.27 24.68
N LEU B 295 20.29 19.46 23.93
CA LEU B 295 20.87 18.39 23.13
C LEU B 295 21.75 18.93 22.02
N ALA B 296 21.30 19.97 21.34
CA ALA B 296 22.10 20.55 20.27
C ALA B 296 23.41 21.12 20.80
N LEU B 297 23.36 21.84 21.94
CA LEU B 297 24.61 22.36 22.52
C LEU B 297 25.53 21.23 22.95
N ARG B 298 24.96 20.20 23.58
CA ARG B 298 25.79 19.08 24.02
C ARG B 298 26.44 18.38 22.83
N VAL B 299 25.68 18.15 21.76
CA VAL B 299 26.21 17.49 20.57
C VAL B 299 27.30 18.34 19.93
N ASP B 300 27.07 19.65 19.82
CA ASP B 300 28.07 20.54 19.23
C ASP B 300 29.34 20.60 20.08
N GLN B 301 29.21 20.54 21.40
CA GLN B 301 30.39 20.46 22.27
C GLN B 301 31.15 19.15 22.07
N ILE B 302 30.43 18.04 21.94
CA ILE B 302 31.12 16.78 21.69
C ILE B 302 31.85 16.82 20.36
N ARG B 303 31.21 17.41 19.33
CA ARG B 303 31.88 17.52 18.04
C ARG B 303 33.15 18.36 18.17
N ASP B 304 33.07 19.47 18.90
CA ASP B 304 34.26 20.30 19.12
C ASP B 304 35.36 19.53 19.82
N ASN B 305 35.01 18.74 20.84
CA ASN B 305 36.04 17.95 21.52
C ASN B 305 36.68 16.95 20.56
N MET B 306 35.88 16.32 19.70
CA MET B 306 36.40 15.28 18.81
C MET B 306 37.34 15.84 17.74
N ALA B 307 37.05 17.03 17.22
CA ALA B 307 37.85 17.67 16.19
C ALA B 307 39.03 18.44 16.77
N GLY B 308 39.69 17.88 17.78
CA GLY B 308 40.75 18.55 18.50
C GLY B 308 41.56 17.60 19.36
C10 R6S C . -14.88 -22.90 -11.54
N12 R6S C . -13.65 -22.40 -9.51
C13 R6S C . -14.66 -22.65 -8.49
C15 R6S C . -15.17 -22.92 -6.21
C17 R6S C . -16.80 -23.02 -7.84
C20 R6S C . -20.20 -23.77 -9.41
C21 R6S C . -20.92 -23.87 -10.58
C22 R6S C . -20.36 -23.42 -11.77
C26 R6S C . -21.09 -23.54 -13.13
C28 R6S C . -22.27 -24.92 -14.86
C01 R6S C . -9.11 -19.69 -14.37
C02 R6S C . -10.45 -20.39 -14.39
C03 R6S C . -10.73 -20.73 -15.84
C06 R6S C . -14.10 -19.82 -15.03
C07 R6S C . -14.83 -21.12 -14.98
C08 R6S C . -14.65 -21.61 -13.53
C09 R6S C . -15.24 -22.66 -12.84
C11 R6S C . -13.97 -22.09 -10.88
C14 R6S C . -14.23 -22.71 -7.18
C19 R6S C . -18.91 -23.25 -9.41
C23 R6S C . -19.09 -22.92 -11.76
C25 R6S C . -18.34 -22.82 -10.59
C27 R6S C . -21.08 -24.82 -13.90
C30 R6S C . -23.52 -23.47 -13.63
C31 R6S C . -22.42 -23.14 -12.62
C32 R6S C . -23.94 -23.86 -15.71
C34 R6S C . -12.74 -22.54 -6.84
C35 R6S C . -13.33 -21.03 -11.56
C36 R6S C . -13.70 -20.81 -12.88
C39 R6S C . -10.47 -21.67 -13.58
F24 R6S C . -18.53 -22.51 -12.93
N05 R6S C . -13.25 -19.80 -13.86
N16 R6S C . -16.45 -23.11 -6.59
N18 R6S C . -18.20 -23.17 -8.12
N29 R6S C . -23.03 -23.75 -14.92
N33 R6S C . -15.92 -22.79 -8.78
O37 R6S C . -11.42 -18.77 -12.41
O38 R6S C . -11.60 -17.97 -14.59
S04 R6S C . -11.69 -19.18 -13.78
C10 R6S D . 9.77 9.94 0.42
N12 R6S D . 9.10 12.20 1.10
C13 R6S D . 10.09 12.91 0.32
C15 R6S D . 10.94 14.99 -0.51
C17 R6S D . 11.91 12.97 -1.06
C20 R6S D . 14.33 10.55 -2.77
C21 R6S D . 14.70 9.21 -2.91
C22 R6S D . 14.10 8.22 -2.11
C26 R6S D . 14.43 6.71 -2.18
C28 R6S D . 12.98 5.24 -3.69
C01 R6S D . 6.21 7.88 2.64
C02 R6S D . 5.99 8.49 4.00
C03 R6S D . 5.24 9.76 3.70
C06 R6S D . 9.66 6.92 3.98
C07 R6S D . 9.79 6.69 2.50
C08 R6S D . 9.69 8.10 1.89
C09 R6S D . 9.99 8.60 0.65
C11 R6S D . 9.29 10.80 1.39
C14 R6S D . 10.02 14.31 0.25
C19 R6S D . 13.34 10.92 -1.85
C23 R6S D . 13.13 8.63 -1.19
C25 R6S D . 12.75 9.96 -1.05
C27 R6S D . 13.36 5.67 -2.27
C30 R6S D . 14.83 6.15 -4.63
C31 R6S D . 15.35 6.80 -3.34
C32 R6S D . 13.84 4.46 -5.51
C34 R6S D . 8.98 15.10 1.00
C35 R6S D . 8.94 10.33 2.61
C36 R6S D . 9.20 8.99 2.83
C39 R6S D . 5.03 7.71 4.85
F24 R6S D . 12.53 7.68 -0.40
N05 R6S D . 8.93 8.19 4.04
N16 R6S D . 11.85 14.28 -1.13
N18 R6S D . 12.98 12.35 -1.79
N29 R6S D . 14.13 4.95 -4.43
N33 R6S D . 11.04 12.26 -0.36
O37 R6S D . 7.91 10.03 5.28
O38 R6S D . 7.59 7.92 6.23
S04 R6S D . 7.58 8.64 4.94
#